data_5D2H
#
_entry.id   5D2H
#
_cell.length_a   43.741
_cell.length_b   44.904
_cell.length_c   125.318
_cell.angle_alpha   90.00
_cell.angle_beta   90.00
_cell.angle_gamma   90.00
#
_symmetry.space_group_name_H-M   'P 21 21 21'
#
loop_
_entity.id
_entity.type
_entity.pdbx_description
1 polymer '4-oxalocrotonate decarboxylase NahK'
2 non-polymer 'MAGNESIUM ION'
3 non-polymer '2-OXOGLUTARIC ACID'
4 non-polymer 1,2-ETHANEDIOL
5 non-polymer 'CHLORIDE ION'
6 non-polymer 'ACETATE ION'
7 non-polymer 'SULFATE ION'
8 water water
#
_entity_poly.entity_id   1
_entity_poly.type   'polypeptide(L)'
_entity_poly.pdbx_seq_one_letter_code
;MGHHHHHHENLYFQGHMASMNRTLTREQVLALAEHIENAELNVHDIGKVTNDFPEMTFADAYDVQWEIRRRKEARGNKIV
GLKMGLTSWAKMAQMGVETPIYGFLADYFSVPDGGVVDCSKLIHPKIEAEISVVTKAPLHGPGCHLGDVIAAIDYVIPTV
EVIDSRYENFKFDPISVVADNASSTRFITGGRMASLEEVDLRTLGVVMEKNGEVVELGAGAAVLGHPLSSVAMLANLLAE
RGEHIPAGTFIMTGGITAAVPVAPGDNITVRYQGLGSVSARFI
;
_entity_poly.pdbx_strand_id   A
#
# COMPACT_ATOMS: atom_id res chain seq x y z
N ASN A 21 25.21 4.80 -0.33
CA ASN A 21 23.80 4.44 -0.44
C ASN A 21 22.85 5.65 -0.40
N ARG A 22 23.33 6.76 0.16
CA ARG A 22 22.49 7.89 0.47
C ARG A 22 23.12 9.18 -0.01
N THR A 23 22.29 10.11 -0.47
CA THR A 23 22.79 11.39 -0.93
C THR A 23 22.19 12.55 -0.13
N LEU A 24 21.08 12.28 0.57
CA LEU A 24 20.46 13.32 1.38
C LEU A 24 21.21 13.52 2.69
N THR A 25 21.36 14.77 3.11
CA THR A 25 21.82 15.04 4.46
C THR A 25 20.66 14.73 5.38
N ARG A 26 20.95 14.52 6.66
CA ARG A 26 19.90 14.21 7.62
C ARG A 26 18.88 15.34 7.73
N GLU A 27 19.39 16.57 7.70
CA GLU A 27 18.51 17.75 7.73
C GLU A 27 17.56 17.74 6.53
N GLN A 28 18.08 17.32 5.37
CA GLN A 28 17.25 17.18 4.20
C GLN A 28 16.21 16.09 4.36
N VAL A 29 16.57 14.99 5.01
CA VAL A 29 15.60 13.92 5.22
C VAL A 29 14.48 14.44 6.08
N LEU A 30 14.84 15.09 7.17
CA LEU A 30 13.87 15.56 8.13
C LEU A 30 12.94 16.58 7.46
N ALA A 31 13.53 17.52 6.72
CA ALA A 31 12.77 18.55 6.03
C ALA A 31 11.89 17.96 4.93
N LEU A 32 12.43 17.01 4.17
CA LEU A 32 11.66 16.34 3.15
C LEU A 32 10.46 15.63 3.73
N ALA A 33 10.68 14.89 4.82
CA ALA A 33 9.59 14.18 5.48
C ALA A 33 8.48 15.13 5.90
N GLU A 34 8.86 16.25 6.52
CA GLU A 34 7.92 17.25 6.99
C GLU A 34 7.13 17.81 5.81
N HIS A 35 7.85 18.11 4.73
CA HIS A 35 7.28 18.70 3.51
C HIS A 35 6.30 17.74 2.86
N ILE A 36 6.73 16.51 2.65
CA ILE A 36 5.87 15.49 2.04
C ILE A 36 4.67 15.18 2.93
N GLU A 37 4.90 15.08 4.24
CA GLU A 37 3.78 14.80 5.12
C GLU A 37 2.78 15.96 5.10
N ASN A 38 3.31 17.17 5.12
CA ASN A 38 2.47 18.35 5.12
C ASN A 38 1.55 18.42 3.90
N ALA A 39 2.05 17.97 2.75
CA ALA A 39 1.22 17.81 1.58
C ALA A 39 0.02 16.90 1.87
N GLU A 40 0.26 15.78 2.57
CA GLU A 40 -0.84 14.91 2.94
C GLU A 40 -1.76 15.57 3.99
N LEU A 41 -1.16 16.06 5.07
CA LEU A 41 -1.93 16.62 6.19
C LEU A 41 -2.72 17.86 5.77
N ASN A 42 -2.14 18.64 4.87
CA ASN A 42 -2.80 19.84 4.39
C ASN A 42 -3.55 19.64 3.08
N VAL A 43 -3.56 18.41 2.59
CA VAL A 43 -4.29 18.09 1.37
C VAL A 43 -3.87 19.06 0.27
N HIS A 44 -2.58 19.06 -0.05
CA HIS A 44 -2.01 20.05 -0.93
C HIS A 44 -0.94 19.37 -1.77
N ASP A 45 -1.19 19.16 -3.06
CA ASP A 45 -0.19 18.42 -3.82
C ASP A 45 1.07 19.26 -4.05
N ILE A 46 2.19 18.56 -4.19
CA ILE A 46 3.49 19.20 -4.28
C ILE A 46 4.24 18.60 -5.45
N GLY A 47 5.33 19.24 -5.84
CA GLY A 47 6.17 18.72 -6.90
C GLY A 47 6.90 17.49 -6.38
N LYS A 48 7.05 16.48 -7.24
CA LYS A 48 7.76 15.28 -6.85
C LYS A 48 9.17 15.64 -6.39
N VAL A 49 9.57 15.10 -5.26
CA VAL A 49 10.79 15.59 -4.60
C VAL A 49 12.07 15.27 -5.37
N THR A 50 12.04 14.26 -6.23
CA THR A 50 13.22 13.92 -7.02
C THR A 50 13.60 15.02 -8.03
N ASN A 51 12.66 15.92 -8.32
CA ASN A 51 12.95 17.06 -9.19
C ASN A 51 13.94 18.00 -8.52
N ASP A 52 13.84 18.13 -7.20
CA ASP A 52 14.77 18.99 -6.47
C ASP A 52 15.92 18.21 -5.87
N PHE A 53 15.75 16.92 -5.70
CA PHE A 53 16.82 16.07 -5.17
C PHE A 53 16.99 14.87 -6.07
N PRO A 54 17.42 15.10 -7.32
CA PRO A 54 17.52 14.07 -8.35
C PRO A 54 18.46 12.93 -7.97
N GLU A 55 19.33 13.14 -6.98
CA GLU A 55 20.29 12.12 -6.56
C GLU A 55 19.73 11.11 -5.55
N MET A 56 18.52 11.37 -5.06
CA MET A 56 17.92 10.54 -4.02
C MET A 56 17.88 9.09 -4.43
N THR A 57 18.37 8.24 -3.54
CA THR A 57 18.35 6.80 -3.74
C THR A 57 17.08 6.26 -3.09
N PHE A 58 16.84 4.97 -3.23
CA PHE A 58 15.75 4.34 -2.49
C PHE A 58 16.01 4.41 -0.98
N ALA A 59 17.27 4.33 -0.58
CA ALA A 59 17.58 4.41 0.84
C ALA A 59 17.24 5.80 1.37
N ASP A 60 17.51 6.84 0.57
CA ASP A 60 17.08 8.19 0.94
C ASP A 60 15.57 8.19 1.09
N ALA A 61 14.89 7.68 0.07
CA ALA A 61 13.43 7.70 0.01
C ALA A 61 12.85 6.95 1.19
N TYR A 62 13.42 5.81 1.53
CA TYR A 62 12.93 5.11 2.72
C TYR A 62 13.28 5.85 4.01
N ASP A 63 14.45 6.48 4.06
CA ASP A 63 14.77 7.32 5.22
C ASP A 63 13.66 8.34 5.38
N VAL A 64 13.28 8.96 4.26
CA VAL A 64 12.22 9.96 4.33
C VAL A 64 10.91 9.31 4.78
N GLN A 65 10.55 8.20 4.17
CA GLN A 65 9.28 7.56 4.51
C GLN A 65 9.26 7.17 5.97
N TRP A 66 10.34 6.54 6.44
CA TRP A 66 10.40 6.14 7.83
C TRP A 66 10.36 7.32 8.79
N GLU A 67 10.88 8.48 8.38
CA GLU A 67 10.85 9.65 9.24
C GLU A 67 9.40 10.18 9.32
N ILE A 68 8.69 10.10 8.21
CA ILE A 68 7.25 10.36 8.21
C ILE A 68 6.57 9.44 9.21
N ARG A 69 6.91 8.15 9.17
CA ARG A 69 6.33 7.22 10.14
CA ARG A 69 6.35 7.22 10.14
C ARG A 69 6.60 7.72 11.56
N ARG A 70 7.84 8.14 11.81
CA ARG A 70 8.23 8.65 13.12
C ARG A 70 7.40 9.86 13.50
N ARG A 71 7.24 10.79 12.58
CA ARG A 71 6.41 11.97 12.83
C ARG A 71 4.99 11.56 13.19
N LYS A 72 4.49 10.54 12.53
CA LYS A 72 3.14 10.07 12.85
C LYS A 72 3.12 9.40 14.22
N GLU A 73 4.12 8.56 14.49
CA GLU A 73 4.16 7.91 15.79
C GLU A 73 4.32 8.93 16.90
N ALA A 74 5.18 9.92 16.67
CA ALA A 74 5.43 10.97 17.64
C ALA A 74 4.18 11.74 18.05
N ARG A 75 3.25 11.93 17.13
CA ARG A 75 2.04 12.63 17.50
C ARG A 75 0.95 11.66 17.94
N GLY A 76 1.34 10.40 18.11
CA GLY A 76 0.46 9.42 18.73
C GLY A 76 -0.28 8.48 17.80
N ASN A 77 -0.04 8.58 16.50
CA ASN A 77 -0.69 7.64 15.59
C ASN A 77 -0.10 6.27 15.81
N LYS A 78 -0.94 5.24 15.76
CA LYS A 78 -0.43 3.88 15.72
C LYS A 78 -0.21 3.47 14.27
N ILE A 79 0.84 2.72 14.01
CA ILE A 79 1.09 2.18 12.68
C ILE A 79 0.49 0.77 12.68
N VAL A 80 -0.52 0.55 11.86
CA VAL A 80 -1.32 -0.66 11.98
C VAL A 80 -1.09 -1.66 10.85
N GLY A 81 -0.12 -1.38 9.98
CA GLY A 81 0.21 -2.32 8.94
C GLY A 81 1.13 -1.77 7.89
N LEU A 82 1.35 -2.55 6.85
CA LEU A 82 2.25 -2.19 5.79
C LEU A 82 1.53 -2.47 4.49
N LYS A 83 1.87 -1.72 3.44
CA LYS A 83 1.26 -1.95 2.15
C LYS A 83 2.34 -2.11 1.12
N MET A 84 2.03 -2.78 0.02
CA MET A 84 3.02 -3.05 -1.01
C MET A 84 2.64 -2.32 -2.27
N GLY A 85 3.63 -1.72 -2.92
CA GLY A 85 3.42 -1.09 -4.21
C GLY A 85 4.29 -1.73 -5.27
N LEU A 86 3.93 -1.53 -6.54
CA LEU A 86 4.73 -2.04 -7.65
C LEU A 86 4.85 -3.57 -7.55
N THR A 87 3.72 -4.22 -7.33
CA THR A 87 3.70 -5.67 -7.16
C THR A 87 3.35 -6.30 -8.49
N SER A 88 3.87 -5.71 -9.56
CA SER A 88 3.65 -6.22 -10.90
C SER A 88 4.99 -6.28 -11.61
N TRP A 89 5.34 -7.46 -12.11
CA TRP A 89 6.61 -7.60 -12.81
C TRP A 89 6.65 -6.66 -13.99
N ALA A 90 5.52 -6.53 -14.69
CA ALA A 90 5.44 -5.63 -15.83
C ALA A 90 5.69 -4.21 -15.40
N LYS A 91 5.09 -3.80 -14.29
CA LYS A 91 5.19 -2.42 -13.84
C LYS A 91 6.60 -2.13 -13.31
N MET A 92 7.19 -3.12 -12.64
CA MET A 92 8.57 -2.98 -12.17
C MET A 92 9.51 -2.73 -13.33
N ALA A 93 9.37 -3.53 -14.38
CA ALA A 93 10.19 -3.37 -15.58
C ALA A 93 9.95 -1.99 -16.19
N GLN A 94 8.69 -1.59 -16.28
CA GLN A 94 8.33 -0.28 -16.80
C GLN A 94 8.96 0.85 -16.00
N MET A 95 8.97 0.72 -14.67
CA MET A 95 9.51 1.79 -13.82
C MET A 95 11.01 1.65 -13.58
N GLY A 96 11.61 0.62 -14.17
CA GLY A 96 13.03 0.39 -14.01
C GLY A 96 13.43 0.03 -12.59
N VAL A 97 12.63 -0.82 -11.94
CA VAL A 97 12.96 -1.27 -10.60
C VAL A 97 12.90 -2.79 -10.53
N GLU A 98 13.69 -3.36 -9.64
CA GLU A 98 13.81 -4.82 -9.54
C GLU A 98 12.97 -5.41 -8.41
N THR A 99 12.31 -4.56 -7.62
CA THR A 99 11.51 -5.06 -6.51
C THR A 99 10.27 -4.19 -6.30
N PRO A 100 9.29 -4.73 -5.55
CA PRO A 100 8.18 -3.90 -5.12
C PRO A 100 8.69 -2.78 -4.23
N ILE A 101 7.77 -1.92 -3.80
CA ILE A 101 8.07 -0.95 -2.78
C ILE A 101 7.03 -1.17 -1.70
N TYR A 102 7.24 -0.58 -0.54
CA TYR A 102 6.27 -0.72 0.54
C TYR A 102 6.05 0.63 1.21
N GLY A 103 4.96 0.72 1.95
CA GLY A 103 4.71 1.88 2.77
C GLY A 103 4.01 1.38 4.01
N PHE A 104 3.82 2.26 4.98
CA PHE A 104 3.14 1.88 6.21
C PHE A 104 1.70 2.39 6.21
N LEU A 105 0.88 1.81 7.06
CA LEU A 105 -0.48 2.29 7.24
C LEU A 105 -0.64 2.83 8.66
N ALA A 106 -1.12 4.06 8.76
CA ALA A 106 -1.43 4.65 10.07
C ALA A 106 -2.85 4.27 10.50
N ASP A 107 -3.10 4.29 11.80
CA ASP A 107 -4.45 3.93 12.29
C ASP A 107 -5.57 4.71 11.60
N TYR A 108 -5.41 6.03 11.44
CA TYR A 108 -6.47 6.83 10.87
C TYR A 108 -6.72 6.55 9.37
N PHE A 109 -5.82 5.78 8.74
CA PHE A 109 -6.04 5.37 7.34
C PHE A 109 -7.22 4.42 7.26
N SER A 110 -7.50 3.74 8.36
CA SER A 110 -8.46 2.65 8.33
C SER A 110 -9.90 3.14 8.22
N VAL A 111 -10.64 2.51 7.33
CA VAL A 111 -12.04 2.81 7.13
C VAL A 111 -12.82 1.50 7.24
N PRO A 112 -13.92 1.50 8.00
CA PRO A 112 -14.78 0.30 8.11
C PRO A 112 -15.44 -0.06 6.79
N ASP A 113 -15.57 -1.35 6.52
CA ASP A 113 -16.35 -1.85 5.39
C ASP A 113 -17.71 -1.14 5.33
N GLY A 114 -18.02 -0.54 4.19
CA GLY A 114 -19.27 0.20 4.03
C GLY A 114 -19.16 1.64 4.49
N GLY A 115 -18.00 1.98 5.06
CA GLY A 115 -17.81 3.28 5.67
C GLY A 115 -17.66 4.41 4.69
N VAL A 116 -17.43 5.60 5.24
CA VAL A 116 -17.33 6.81 4.45
C VAL A 116 -15.89 7.26 4.31
N VAL A 117 -15.51 7.64 3.09
CA VAL A 117 -14.25 8.34 2.88
C VAL A 117 -14.57 9.78 2.50
N ASP A 118 -13.96 10.73 3.22
CA ASP A 118 -14.18 12.14 2.97
C ASP A 118 -13.13 12.64 1.97
N CYS A 119 -13.53 12.79 0.71
CA CYS A 119 -12.60 13.17 -0.36
C CYS A 119 -12.00 14.56 -0.15
N SER A 120 -12.64 15.40 0.65
CA SER A 120 -12.11 16.73 0.86
C SER A 120 -10.84 16.66 1.70
N LYS A 121 -10.55 15.49 2.26
CA LYS A 121 -9.30 15.26 3.00
C LYS A 121 -8.24 14.62 2.10
N LEU A 122 -8.59 14.44 0.84
CA LEU A 122 -7.73 13.73 -0.10
C LEU A 122 -7.51 14.64 -1.29
N ILE A 123 -6.49 14.34 -2.07
CA ILE A 123 -6.08 15.18 -3.18
C ILE A 123 -6.63 14.71 -4.53
N HIS A 124 -6.25 13.51 -4.95
CA HIS A 124 -6.77 12.94 -6.18
C HIS A 124 -6.80 11.42 -6.04
N PRO A 125 -7.66 10.93 -5.16
CA PRO A 125 -7.57 9.54 -4.69
C PRO A 125 -8.01 8.53 -5.74
N LYS A 126 -7.46 7.32 -5.63
CA LYS A 126 -7.86 6.20 -6.43
C LYS A 126 -8.01 5.01 -5.50
N ILE A 127 -8.85 4.06 -5.87
CA ILE A 127 -9.00 2.86 -5.08
C ILE A 127 -8.41 1.68 -5.83
N GLU A 128 -7.92 0.71 -5.08
CA GLU A 128 -7.49 -0.54 -5.67
C GLU A 128 -7.96 -1.70 -4.80
N ALA A 129 -8.26 -2.82 -5.45
CA ALA A 129 -8.68 -4.04 -4.78
C ALA A 129 -7.47 -4.87 -4.43
N GLU A 130 -7.37 -5.26 -3.16
CA GLU A 130 -6.22 -6.00 -2.70
C GLU A 130 -6.68 -7.11 -1.78
N ILE A 131 -5.77 -8.03 -1.53
CA ILE A 131 -5.99 -9.02 -0.48
C ILE A 131 -4.89 -8.80 0.55
N SER A 132 -5.29 -8.67 1.80
CA SER A 132 -4.33 -8.48 2.87
C SER A 132 -4.17 -9.77 3.61
N VAL A 133 -3.04 -9.89 4.31
CA VAL A 133 -2.83 -11.01 5.19
C VAL A 133 -2.51 -10.48 6.58
N VAL A 134 -2.85 -11.27 7.59
CA VAL A 134 -2.35 -11.04 8.92
C VAL A 134 -1.47 -12.25 9.23
N THR A 135 -0.24 -12.01 9.65
CA THR A 135 0.67 -13.10 9.91
C THR A 135 0.52 -13.59 11.36
N LYS A 136 0.90 -14.83 11.62
CA LYS A 136 0.85 -15.38 12.97
C LYS A 136 2.23 -15.89 13.40
N ALA A 137 3.23 -15.65 12.55
CA ALA A 137 4.62 -16.03 12.84
C ALA A 137 5.56 -15.00 12.21
N PRO A 138 6.72 -14.80 12.82
CA PRO A 138 7.64 -13.77 12.30
C PRO A 138 8.24 -14.20 10.97
N LEU A 139 8.49 -13.23 10.11
CA LEU A 139 9.11 -13.48 8.81
C LEU A 139 10.26 -12.51 8.63
N HIS A 140 11.34 -12.97 8.01
CA HIS A 140 12.47 -12.10 7.80
C HIS A 140 13.18 -12.49 6.53
N GLY A 141 14.02 -11.58 6.05
CA GLY A 141 14.91 -11.85 4.94
C GLY A 141 16.31 -11.59 5.44
N PRO A 142 17.29 -11.52 4.54
CA PRO A 142 17.07 -11.68 3.10
C PRO A 142 16.73 -13.14 2.79
N GLY A 143 16.34 -13.41 1.55
CA GLY A 143 16.13 -14.77 1.10
C GLY A 143 14.78 -15.36 1.47
N CYS A 144 13.84 -14.50 1.86
CA CYS A 144 12.49 -14.96 2.12
C CYS A 144 11.79 -15.19 0.79
N HIS A 145 11.02 -16.26 0.72
CA HIS A 145 10.24 -16.55 -0.47
C HIS A 145 8.91 -17.17 -0.08
N LEU A 146 8.11 -17.56 -1.06
CA LEU A 146 6.76 -18.03 -0.81
C LEU A 146 6.67 -19.09 0.29
N GLY A 147 7.59 -20.05 0.24
CA GLY A 147 7.51 -21.19 1.13
C GLY A 147 7.65 -20.78 2.57
N ASP A 148 8.42 -19.72 2.81
CA ASP A 148 8.62 -19.28 4.17
C ASP A 148 7.36 -18.60 4.68
N VAL A 149 6.63 -17.98 3.75
CA VAL A 149 5.48 -17.17 4.08
C VAL A 149 4.25 -17.99 4.43
N ILE A 150 4.02 -19.07 3.69
CA ILE A 150 2.85 -19.93 3.88
C ILE A 150 2.55 -20.23 5.35
N ALA A 151 3.57 -20.72 6.06
CA ALA A 151 3.39 -21.16 7.43
C ALA A 151 3.08 -20.00 8.38
N ALA A 152 3.31 -18.77 7.92
CA ALA A 152 3.24 -17.60 8.78
C ALA A 152 1.91 -16.85 8.67
N ILE A 153 1.04 -17.31 7.77
CA ILE A 153 -0.22 -16.62 7.51
C ILE A 153 -1.34 -17.07 8.45
N ASP A 154 -1.91 -16.11 9.18
CA ASP A 154 -3.02 -16.40 10.07
C ASP A 154 -4.28 -16.47 9.22
N TYR A 155 -4.54 -15.38 8.50
CA TYR A 155 -5.69 -15.34 7.63
C TYR A 155 -5.51 -14.24 6.61
N VAL A 156 -6.42 -14.21 5.64
CA VAL A 156 -6.40 -13.20 4.61
C VAL A 156 -7.69 -12.42 4.76
N ILE A 157 -7.71 -11.18 4.26
CA ILE A 157 -8.88 -10.37 4.44
C ILE A 157 -8.94 -9.38 3.29
N PRO A 158 -10.06 -9.38 2.55
CA PRO A 158 -10.26 -8.43 1.45
C PRO A 158 -10.02 -7.03 1.93
N THR A 159 -9.25 -6.27 1.16
CA THR A 159 -8.98 -4.89 1.52
C THR A 159 -8.91 -4.03 0.29
N VAL A 160 -9.63 -2.92 0.30
CA VAL A 160 -9.52 -1.95 -0.76
C VAL A 160 -8.63 -0.84 -0.24
N GLU A 161 -7.63 -0.45 -1.02
CA GLU A 161 -6.80 0.66 -0.61
C GLU A 161 -7.27 1.91 -1.31
N VAL A 162 -7.24 3.03 -0.60
CA VAL A 162 -7.35 4.31 -1.26
C VAL A 162 -5.95 4.88 -1.28
N ILE A 163 -5.41 5.06 -2.48
CA ILE A 163 -4.10 5.63 -2.61
C ILE A 163 -4.27 7.04 -3.14
N ASP A 164 -3.32 7.90 -2.79
CA ASP A 164 -3.46 9.30 -3.12
C ASP A 164 -2.06 9.86 -3.07
N SER A 165 -1.42 9.91 -4.23
CA SER A 165 -0.10 10.47 -4.32
C SER A 165 -0.19 11.94 -3.94
N ARG A 166 0.69 12.40 -3.07
CA ARG A 166 0.73 13.81 -2.72
C ARG A 166 1.40 14.64 -3.81
N TYR A 167 1.86 14.00 -4.88
CA TYR A 167 2.49 14.73 -5.97
C TYR A 167 1.54 15.20 -7.05
N GLU A 168 1.85 16.37 -7.58
CA GLU A 168 1.07 16.98 -8.64
C GLU A 168 1.41 16.35 -9.97
N ASN A 169 2.54 15.64 -9.99
CA ASN A 169 3.09 15.10 -11.23
C ASN A 169 2.28 13.95 -11.80
N PHE A 170 2.25 13.88 -13.13
CA PHE A 170 1.52 12.82 -13.82
C PHE A 170 2.30 11.51 -13.81
N LYS A 171 3.51 11.54 -14.34
CA LYS A 171 4.32 10.33 -14.47
C LYS A 171 4.81 9.77 -13.13
N PHE A 172 4.57 8.48 -12.94
CA PHE A 172 4.95 7.75 -11.74
C PHE A 172 6.47 7.75 -11.52
N ASP A 173 6.88 8.10 -10.32
CA ASP A 173 8.29 8.17 -9.95
C ASP A 173 8.55 7.36 -8.68
N PRO A 174 9.06 6.13 -8.84
CA PRO A 174 9.22 5.16 -7.74
C PRO A 174 9.85 5.73 -6.48
N ILE A 175 10.96 6.44 -6.64
CA ILE A 175 11.67 7.02 -5.50
C ILE A 175 10.87 8.11 -4.79
N SER A 176 10.21 8.98 -5.55
CA SER A 176 9.33 9.97 -4.93
C SER A 176 8.15 9.29 -4.25
N VAL A 177 7.59 8.27 -4.90
CA VAL A 177 6.43 7.57 -4.35
C VAL A 177 6.81 6.94 -3.01
N VAL A 178 7.98 6.32 -2.95
CA VAL A 178 8.43 5.75 -1.70
C VAL A 178 8.51 6.80 -0.61
N ALA A 179 9.14 7.93 -0.93
CA ALA A 179 9.26 9.03 0.02
C ALA A 179 7.89 9.49 0.49
N ASP A 180 6.91 9.43 -0.40
CA ASP A 180 5.52 9.77 -0.09
C ASP A 180 4.75 8.54 0.42
N ASN A 181 5.45 7.64 1.11
CA ASN A 181 4.80 6.49 1.76
C ASN A 181 3.98 5.65 0.78
N ALA A 182 4.52 5.46 -0.42
CA ALA A 182 3.84 4.64 -1.41
C ALA A 182 2.40 5.13 -1.61
N SER A 183 2.19 6.44 -1.46
CA SER A 183 0.89 7.05 -1.75
C SER A 183 -0.24 6.57 -0.84
N SER A 184 0.11 6.00 0.31
CA SER A 184 -0.92 5.44 1.18
C SER A 184 -1.78 6.59 1.72
N THR A 185 -3.04 6.29 2.03
CA THR A 185 -3.90 7.29 2.63
C THR A 185 -5.15 6.73 3.31
N ARG A 186 -5.80 5.75 2.70
CA ARG A 186 -6.85 5.03 3.39
C ARG A 186 -6.83 3.57 2.97
N PHE A 187 -7.39 2.71 3.82
CA PHE A 187 -7.64 1.33 3.43
C PHE A 187 -8.95 0.88 4.06
N ILE A 188 -9.70 0.05 3.34
CA ILE A 188 -10.98 -0.44 3.83
C ILE A 188 -10.94 -1.96 3.85
N THR A 189 -10.87 -2.55 5.04
CA THR A 189 -11.02 -3.99 5.16
C THR A 189 -12.50 -4.33 5.13
N GLY A 190 -12.83 -5.53 4.68
CA GLY A 190 -14.21 -5.93 4.56
C GLY A 190 -14.31 -7.33 4.01
N GLY A 191 -15.47 -7.70 3.50
CA GLY A 191 -15.67 -9.06 3.04
C GLY A 191 -15.48 -10.02 4.18
N ARG A 192 -15.00 -11.22 3.88
CA ARG A 192 -14.86 -12.23 4.89
C ARG A 192 -13.42 -12.66 5.08
N MET A 193 -13.03 -12.87 6.32
CA MET A 193 -11.70 -13.40 6.61
C MET A 193 -11.68 -14.88 6.24
N ALA A 194 -10.51 -15.38 5.86
CA ALA A 194 -10.41 -16.79 5.52
C ALA A 194 -9.00 -17.25 5.76
N SER A 195 -8.85 -18.53 6.10
CA SER A 195 -7.53 -19.12 6.23
C SER A 195 -7.00 -19.43 4.84
N LEU A 196 -5.69 -19.63 4.74
CA LEU A 196 -5.08 -19.99 3.47
C LEU A 196 -5.65 -21.29 2.91
N GLU A 197 -6.03 -22.21 3.79
CA GLU A 197 -6.61 -23.48 3.36
C GLU A 197 -7.94 -23.28 2.64
N GLU A 198 -8.63 -22.18 2.94
CA GLU A 198 -9.93 -21.93 2.33
C GLU A 198 -9.87 -21.15 1.01
N VAL A 199 -8.72 -20.60 0.66
CA VAL A 199 -8.67 -19.77 -0.53
C VAL A 199 -7.48 -20.08 -1.43
N ASP A 200 -7.70 -19.99 -2.73
CA ASP A 200 -6.61 -20.02 -3.68
C ASP A 200 -6.35 -18.59 -4.13
N LEU A 201 -5.30 -17.99 -3.58
CA LEU A 201 -5.05 -16.57 -3.83
C LEU A 201 -4.72 -16.27 -5.28
N ARG A 202 -4.10 -17.22 -5.96
CA ARG A 202 -3.73 -17.01 -7.36
C ARG A 202 -4.95 -16.88 -8.27
N THR A 203 -5.99 -17.65 -7.99
CA THR A 203 -7.19 -17.62 -8.83
C THR A 203 -8.37 -16.89 -8.18
N LEU A 204 -8.15 -16.33 -6.99
CA LEU A 204 -9.21 -15.58 -6.33
C LEU A 204 -9.60 -14.37 -7.19
N GLY A 205 -10.83 -14.37 -7.66
CA GLY A 205 -11.30 -13.32 -8.56
C GLY A 205 -11.84 -12.12 -7.80
N VAL A 206 -11.59 -10.94 -8.35
CA VAL A 206 -12.06 -9.72 -7.71
C VAL A 206 -12.80 -8.93 -8.76
N VAL A 207 -13.93 -8.33 -8.37
CA VAL A 207 -14.67 -7.47 -9.29
C VAL A 207 -14.91 -6.12 -8.62
N MET A 208 -14.37 -5.07 -9.21
CA MET A 208 -14.58 -3.73 -8.65
C MET A 208 -15.73 -3.02 -9.36
N GLU A 209 -16.74 -2.65 -8.58
CA GLU A 209 -17.86 -1.89 -9.10
C GLU A 209 -17.84 -0.47 -8.55
N LYS A 210 -18.14 0.49 -9.41
CA LYS A 210 -18.19 1.88 -9.01
C LYS A 210 -19.52 2.42 -9.51
N ASN A 211 -20.33 2.92 -8.59
CA ASN A 211 -21.65 3.44 -8.92
C ASN A 211 -22.43 2.44 -9.77
N GLY A 212 -22.50 1.20 -9.28
CA GLY A 212 -23.33 0.19 -9.91
C GLY A 212 -22.73 -0.55 -11.10
N GLU A 213 -21.60 -0.07 -11.61
CA GLU A 213 -21.03 -0.68 -12.80
C GLU A 213 -19.65 -1.30 -12.59
N VAL A 214 -19.45 -2.45 -13.21
CA VAL A 214 -18.15 -3.10 -13.20
C VAL A 214 -17.14 -2.21 -13.93
N VAL A 215 -16.08 -1.82 -13.24
CA VAL A 215 -15.05 -1.01 -13.87
C VAL A 215 -13.69 -1.72 -13.99
N GLU A 216 -13.43 -2.67 -13.10
CA GLU A 216 -12.18 -3.45 -13.16
C GLU A 216 -12.38 -4.89 -12.74
N LEU A 217 -11.59 -5.77 -13.33
CA LEU A 217 -11.58 -7.19 -12.98
C LEU A 217 -10.14 -7.62 -12.77
N GLY A 218 -9.92 -8.57 -11.88
CA GLY A 218 -8.58 -9.07 -11.68
C GLY A 218 -8.60 -10.33 -10.85
N ALA A 219 -7.48 -11.04 -10.86
CA ALA A 219 -7.33 -12.21 -10.03
C ALA A 219 -6.10 -12.01 -9.17
N GLY A 220 -6.05 -12.72 -8.04
CA GLY A 220 -4.95 -12.61 -7.09
C GLY A 220 -3.58 -12.70 -7.74
N ALA A 221 -3.44 -13.56 -8.74
CA ALA A 221 -2.16 -13.76 -9.39
C ALA A 221 -1.60 -12.47 -9.97
N ALA A 222 -2.44 -11.45 -10.12
CA ALA A 222 -1.97 -10.19 -10.66
C ALA A 222 -0.87 -9.61 -9.77
N VAL A 223 -0.83 -10.08 -8.53
CA VAL A 223 0.20 -9.64 -7.58
C VAL A 223 1.41 -10.58 -7.68
N LEU A 224 2.33 -10.24 -8.58
CA LEU A 224 3.61 -10.93 -8.72
C LEU A 224 3.49 -12.35 -9.27
N GLY A 225 2.27 -12.79 -9.51
CA GLY A 225 2.02 -14.17 -9.86
C GLY A 225 1.52 -14.94 -8.64
N HIS A 226 1.69 -14.35 -7.47
CA HIS A 226 1.20 -14.96 -6.23
C HIS A 226 1.26 -13.96 -5.11
N PRO A 227 0.09 -13.50 -4.64
CA PRO A 227 0.04 -12.42 -3.64
C PRO A 227 0.92 -12.70 -2.42
N LEU A 228 1.07 -13.95 -2.02
CA LEU A 228 1.88 -14.26 -0.84
C LEU A 228 3.36 -13.93 -1.04
N SER A 229 3.78 -13.86 -2.30
CA SER A 229 5.15 -13.53 -2.64
C SER A 229 5.42 -12.10 -2.22
N SER A 230 4.41 -11.27 -2.33
CA SER A 230 4.49 -9.90 -1.87
C SER A 230 5.00 -9.84 -0.41
N VAL A 231 4.51 -10.76 0.42
CA VAL A 231 4.91 -10.77 1.82
C VAL A 231 6.39 -11.07 1.93
N ALA A 232 6.86 -12.06 1.17
CA ALA A 232 8.28 -12.43 1.18
C ALA A 232 9.13 -11.26 0.70
N MET A 233 8.71 -10.61 -0.38
CA MET A 233 9.47 -9.47 -0.89
C MET A 233 9.57 -8.39 0.16
N LEU A 234 8.46 -8.18 0.88
CA LEU A 234 8.42 -7.24 1.97
C LEU A 234 9.45 -7.60 3.01
N ALA A 235 9.49 -8.88 3.37
CA ALA A 235 10.45 -9.33 4.36
C ALA A 235 11.87 -8.95 3.94
N ASN A 236 12.20 -9.25 2.68
CA ASN A 236 13.55 -8.98 2.18
C ASN A 236 13.87 -7.50 2.08
N LEU A 237 12.87 -6.70 1.71
CA LEU A 237 13.04 -5.25 1.69
C LEU A 237 13.29 -4.70 3.08
N LEU A 238 12.50 -5.15 4.04
CA LEU A 238 12.67 -4.72 5.42
C LEU A 238 14.03 -5.18 5.95
N ALA A 239 14.51 -6.33 5.48
CA ALA A 239 15.82 -6.82 5.89
C ALA A 239 16.96 -5.88 5.50
N GLU A 240 16.79 -5.18 4.37
CA GLU A 240 17.78 -4.23 3.89
C GLU A 240 17.98 -3.12 4.93
N ARG A 241 16.98 -2.90 5.76
CA ARG A 241 17.06 -1.89 6.80
C ARG A 241 17.13 -2.51 8.19
N GLY A 242 17.36 -3.81 8.24
CA GLY A 242 17.54 -4.50 9.51
C GLY A 242 16.24 -4.62 10.27
N GLU A 243 15.14 -4.74 9.54
CA GLU A 243 13.81 -4.90 10.12
C GLU A 243 13.24 -6.20 9.62
N HIS A 244 12.16 -6.67 10.24
CA HIS A 244 11.47 -7.85 9.74
C HIS A 244 9.95 -7.69 9.87
N ILE A 245 9.21 -8.76 9.59
CA ILE A 245 7.76 -8.75 9.73
C ILE A 245 7.39 -9.53 10.98
N PRO A 246 7.11 -8.81 12.07
CA PRO A 246 6.73 -9.49 13.30
C PRO A 246 5.42 -10.25 13.10
N ALA A 247 5.19 -11.27 13.91
CA ALA A 247 3.90 -11.95 13.96
C ALA A 247 2.79 -10.95 14.23
N GLY A 248 1.63 -11.15 13.62
CA GLY A 248 0.51 -10.25 13.85
C GLY A 248 0.51 -9.04 12.92
N THR A 249 1.40 -9.03 11.93
CA THR A 249 1.47 -7.89 11.03
C THR A 249 0.42 -7.94 9.93
N PHE A 250 -0.28 -6.83 9.74
CA PHE A 250 -1.27 -6.68 8.68
C PHE A 250 -0.60 -6.11 7.43
N ILE A 251 -0.73 -6.82 6.33
CA ILE A 251 -0.03 -6.46 5.10
C ILE A 251 -0.97 -6.46 3.92
N MET A 252 -1.09 -5.31 3.27
CA MET A 252 -1.83 -5.23 2.02
C MET A 252 -0.91 -5.63 0.87
N THR A 253 -1.22 -6.74 0.20
CA THR A 253 -0.23 -7.40 -0.67
C THR A 253 -0.07 -6.79 -2.07
N GLY A 254 -0.99 -5.93 -2.48
CA GLY A 254 -0.83 -5.22 -3.72
C GLY A 254 -2.09 -5.11 -4.57
N GLY A 255 -2.08 -4.13 -5.48
CA GLY A 255 -3.23 -3.89 -6.34
C GLY A 255 -3.49 -5.07 -7.26
N ILE A 256 -4.68 -5.63 -7.17
CA ILE A 256 -5.06 -6.77 -8.01
C ILE A 256 -5.57 -6.26 -9.35
N THR A 257 -6.32 -5.16 -9.30
CA THR A 257 -6.83 -4.49 -10.49
C THR A 257 -6.08 -3.18 -10.72
N ALA A 258 -6.37 -2.52 -11.84
CA ALA A 258 -5.84 -1.19 -12.07
C ALA A 258 -6.48 -0.28 -11.01
N ALA A 259 -5.80 0.80 -10.64
CA ALA A 259 -6.38 1.75 -9.70
C ALA A 259 -7.42 2.61 -10.40
N VAL A 260 -8.47 2.95 -9.68
CA VAL A 260 -9.63 3.66 -10.24
C VAL A 260 -9.86 4.94 -9.47
N PRO A 261 -9.89 6.08 -10.17
CA PRO A 261 -10.22 7.35 -9.52
C PRO A 261 -11.56 7.28 -8.78
N VAL A 262 -11.64 7.99 -7.66
CA VAL A 262 -12.90 8.15 -6.95
C VAL A 262 -13.12 9.60 -6.59
N ALA A 263 -14.38 9.98 -6.53
CA ALA A 263 -14.74 11.37 -6.33
C ALA A 263 -15.95 11.39 -5.42
N PRO A 264 -16.25 12.57 -4.87
CA PRO A 264 -17.38 12.68 -3.94
C PRO A 264 -18.63 12.15 -4.63
N GLY A 265 -19.45 11.39 -3.93
CA GLY A 265 -20.65 10.84 -4.52
C GLY A 265 -20.46 9.43 -5.01
N ASP A 266 -19.22 9.01 -5.24
CA ASP A 266 -18.95 7.67 -5.72
C ASP A 266 -19.22 6.65 -4.64
N ASN A 267 -19.85 5.54 -5.02
CA ASN A 267 -19.97 4.40 -4.14
C ASN A 267 -19.32 3.23 -4.86
N ILE A 268 -18.58 2.44 -4.11
CA ILE A 268 -17.85 1.35 -4.70
C ILE A 268 -18.05 0.10 -3.88
N THR A 269 -18.11 -1.01 -4.60
CA THR A 269 -18.20 -2.33 -4.00
C THR A 269 -17.21 -3.20 -4.75
N VAL A 270 -16.33 -3.87 -4.03
CA VAL A 270 -15.38 -4.76 -4.66
C VAL A 270 -15.73 -6.15 -4.21
N ARG A 271 -16.06 -7.01 -5.18
CA ARG A 271 -16.50 -8.35 -4.84
C ARG A 271 -15.34 -9.33 -4.90
N TYR A 272 -15.16 -10.08 -3.82
CA TYR A 272 -14.08 -11.06 -3.72
C TYR A 272 -14.64 -12.47 -3.79
N GLN A 273 -14.19 -13.21 -4.80
CA GLN A 273 -14.65 -14.58 -5.01
C GLN A 273 -14.59 -15.39 -3.71
N GLY A 274 -15.76 -15.73 -3.18
CA GLY A 274 -15.83 -16.56 -1.98
C GLY A 274 -15.50 -15.81 -0.71
N LEU A 275 -15.21 -14.51 -0.82
CA LEU A 275 -14.86 -13.70 0.35
C LEU A 275 -15.80 -12.51 0.56
N GLY A 276 -16.98 -12.55 -0.04
CA GLY A 276 -17.92 -11.45 0.11
C GLY A 276 -17.41 -10.19 -0.60
N SER A 277 -17.72 -9.02 -0.05
CA SER A 277 -17.38 -7.80 -0.75
C SER A 277 -16.95 -6.72 0.22
N VAL A 278 -16.18 -5.77 -0.28
CA VAL A 278 -15.81 -4.58 0.46
C VAL A 278 -16.48 -3.42 -0.24
N SER A 279 -17.05 -2.52 0.54
CA SER A 279 -17.70 -1.33 -0.02
CA SER A 279 -17.71 -1.34 -0.03
C SER A 279 -17.26 -0.07 0.68
N ALA A 280 -17.44 1.07 0.01
CA ALA A 280 -17.12 2.36 0.59
C ALA A 280 -17.96 3.45 -0.08
N ARG A 281 -18.29 4.48 0.69
CA ARG A 281 -18.99 5.65 0.15
C ARG A 281 -18.06 6.85 0.20
N PHE A 282 -17.93 7.56 -0.91
CA PHE A 282 -17.06 8.72 -0.98
C PHE A 282 -17.85 10.01 -0.96
N ILE A 283 -17.47 10.94 -0.09
CA ILE A 283 -18.22 12.19 0.00
C ILE A 283 -17.31 13.39 -0.13
#